data_1TA6
#
_entry.id   1TA6
#
_cell.length_a   70.40
_cell.length_b   72.14
_cell.length_c   73.52
_cell.angle_alpha   90.0
_cell.angle_beta   101.0
_cell.angle_gamma   90.0
#
_symmetry.space_group_name_H-M   'C 1 2 1'
#
loop_
_entity.id
_entity.type
_entity.pdbx_description
1 polymer thrombin
2 polymer Hirudin
3 non-polymer '1-[2-AMINO-2-CYCLOHEXYL-ACETYL]-PYRROLIDINE-3-CARBOXYLIC ACID 5-CHLORO-2-(2-ETHYLCARBAMOYL-ETHOXY)-BENZYLAMIDE'
4 water water
#
loop_
_entity_poly.entity_id
_entity_poly.type
_entity_poly.pdbx_seq_one_letter_code
_entity_poly.pdbx_strand_id
1 'polypeptide(L)'
;DCGLRPLFEKKSLEDKTERELLESYIDGRIVEGSDAEIGMSPWQVMLFRKSPQELLCGASLISDRWVLTAAHCLLYPPWD
KNFTENDLLVRIGKHSRTRYERNIEKISMLEKIYIHPRYNWRENLDRDIALMKLKKPVAFSDYIHPVCLPDRETAASLLQ
AGYKGRVTGWGNLKETWTANVGKGQPSVLQVVNLPIVERPVCKDSTRIRITDNMFCAGYKPDEGKRGDACEGDSGGPFVM
KSPFNNRWYQMGIVSWGEGCDRDGKYGFYTHVFRLKKWIQKVIDQFG
;
A
2 'polypeptide(L)' DFEEIPEA(TYS)LA B
#
loop_
_chem_comp.id
_chem_comp.type
_chem_comp.name
_chem_comp.formula
177 peptide-like '1-[2-AMINO-2-CYCLOHEXYL-ACETYL]-PYRROLIDINE-3-CARBOXYLIC ACID 5-CHLORO-2-(2-ETHYLCARBAMOYL-ETHOXY)-BENZYLAMIDE' 'C24 H35 Cl N4 O4'
#
# COMPACT_ATOMS: atom_id res chain seq x y z
N ASP A 1 9.88 -8.16 14.88
CA ASP A 1 8.99 -7.17 15.58
C ASP A 1 7.93 -6.54 14.64
N CYS A 2 7.95 -6.95 13.38
CA CYS A 2 7.05 -6.44 12.36
C CYS A 2 5.59 -6.58 12.76
N GLY A 3 4.76 -5.71 12.20
CA GLY A 3 3.35 -5.81 12.45
C GLY A 3 2.79 -5.42 13.78
N LEU A 4 3.64 -5.11 14.75
CA LEU A 4 3.18 -4.67 16.09
C LEU A 4 3.42 -3.15 16.20
N ARG A 5 2.33 -2.39 16.17
CA ARG A 5 2.39 -0.93 16.22
C ARG A 5 2.69 -0.36 17.61
N PRO A 6 3.70 0.51 17.72
CA PRO A 6 4.08 1.13 18.99
C PRO A 6 2.92 1.77 19.76
N LEU A 7 2.04 2.46 19.05
CA LEU A 7 0.94 3.14 19.71
C LEU A 7 -0.34 2.34 19.89
N PHE A 8 -0.33 1.09 19.45
CA PHE A 8 -1.53 0.26 19.59
C PHE A 8 -1.23 -1.08 20.24
N GLU A 9 -0.84 -2.09 19.46
CA GLU A 9 -0.54 -3.42 19.99
C GLU A 9 0.43 -3.40 21.15
N LYS A 10 1.51 -2.63 21.02
CA LYS A 10 2.50 -2.58 22.07
C LYS A 10 2.01 -1.94 23.37
N LYS A 11 0.89 -1.24 23.30
CA LYS A 11 0.29 -0.62 24.48
C LYS A 11 -1.02 -1.29 24.82
N SER A 12 -1.41 -2.26 24.00
CA SER A 12 -2.66 -2.98 24.18
C SER A 12 -3.88 -2.07 23.95
N LEU A 13 -3.77 -1.19 22.97
CA LEU A 13 -4.87 -0.31 22.60
C LEU A 13 -5.33 -0.73 21.20
N GLU A 14 -6.63 -0.78 20.96
CA GLU A 14 -7.16 -1.15 19.65
C GLU A 14 -7.50 0.10 18.88
N ASP A 15 -7.29 0.11 17.56
CA ASP A 15 -7.65 1.28 16.76
C ASP A 15 -9.18 1.27 16.56
N LYS A 16 -9.76 2.40 16.14
CA LYS A 16 -11.20 2.46 16.04
C LYS A 16 -11.97 1.50 15.15
N THR A 17 -11.31 0.84 14.21
CA THR A 17 -12.05 -0.06 13.34
C THR A 17 -11.46 -1.44 13.16
N GLU A 18 -10.44 -1.80 13.95
CA GLU A 18 -9.84 -3.12 13.77
C GLU A 18 -10.79 -4.26 14.12
N ARG A 19 -11.72 -3.97 15.02
CA ARG A 19 -12.71 -4.95 15.43
C ARG A 19 -13.52 -5.47 14.23
N GLU A 20 -13.82 -4.58 13.28
CA GLU A 20 -14.57 -4.90 12.05
C GLU A 20 -13.81 -5.89 11.21
N LEU A 21 -12.48 -5.81 11.25
CA LEU A 21 -11.64 -6.71 10.50
C LEU A 21 -11.70 -8.09 11.13
N LEU A 22 -11.39 -8.14 12.42
CA LEU A 22 -11.37 -9.38 13.15
C LEU A 22 -12.71 -10.07 13.18
N GLU A 23 -13.78 -9.30 13.13
CA GLU A 23 -15.10 -9.90 13.14
C GLU A 23 -15.50 -10.53 11.83
N SER A 24 -14.78 -10.18 10.76
CA SER A 24 -15.08 -10.73 9.44
C SER A 24 -14.37 -12.06 9.23
N TYR A 25 -13.38 -12.34 10.06
CA TYR A 25 -12.62 -13.58 9.95
C TYR A 25 -13.44 -14.68 10.59
N ILE A 26 -14.57 -15.01 9.96
CA ILE A 26 -15.49 -16.03 10.49
C ILE A 26 -14.92 -17.44 10.54
N ILE A 30 -8.37 7.56 -1.70
CA ILE A 30 -9.34 6.67 -1.03
C ILE A 30 -10.73 7.31 -1.04
N VAL A 31 -11.71 6.58 -1.55
CA VAL A 31 -13.10 7.03 -1.64
C VAL A 31 -13.90 6.42 -0.51
N GLU A 32 -14.73 7.22 0.15
CA GLU A 32 -15.57 6.78 1.25
C GLU A 32 -14.81 6.25 2.44
N GLY A 33 -13.56 6.69 2.59
CA GLY A 33 -12.78 6.26 3.73
C GLY A 33 -12.88 7.33 4.82
N SER A 34 -12.05 7.21 5.86
CA SER A 34 -12.03 8.19 6.94
C SER A 34 -10.60 8.56 7.28
N ASP A 35 -10.43 9.60 8.10
CA ASP A 35 -9.10 10.05 8.47
C ASP A 35 -8.42 9.03 9.35
N ALA A 36 -7.16 8.79 9.08
CA ALA A 36 -6.40 7.84 9.86
C ALA A 36 -6.13 8.44 11.24
N GLU A 37 -5.83 7.57 12.21
CA GLU A 37 -5.46 7.98 13.56
C GLU A 37 -3.95 8.03 13.53
N ILE A 38 -3.36 8.81 14.43
CA ILE A 38 -1.90 8.90 14.47
C ILE A 38 -1.32 7.52 14.82
N GLY A 39 -0.31 7.08 14.08
CA GLY A 39 0.30 5.78 14.36
C GLY A 39 -0.52 4.56 13.99
N MET A 40 -1.62 4.73 13.27
CA MET A 40 -2.46 3.60 12.87
C MET A 40 -1.83 2.69 11.77
N SER A 41 -1.02 3.28 10.88
CA SER A 41 -0.34 2.54 9.80
C SER A 41 1.10 3.04 9.75
N PRO A 42 1.93 2.70 10.73
CA PRO A 42 3.33 3.14 10.74
C PRO A 42 4.24 2.66 9.60
N TRP A 43 3.70 1.84 8.72
CA TRP A 43 4.47 1.34 7.57
C TRP A 43 4.11 2.10 6.30
N GLN A 44 3.10 2.96 6.37
CA GLN A 44 2.69 3.72 5.22
C GLN A 44 3.83 4.65 4.78
N VAL A 45 4.16 4.59 3.50
CA VAL A 45 5.25 5.37 2.93
C VAL A 45 4.72 6.21 1.77
N MET A 46 5.21 7.43 1.63
CA MET A 46 4.77 8.31 0.54
C MET A 46 5.90 8.43 -0.46
N LEU A 47 5.59 8.15 -1.72
CA LEU A 47 6.58 8.30 -2.79
C LEU A 47 6.43 9.75 -3.23
N PHE A 48 7.52 10.49 -3.18
CA PHE A 48 7.48 11.90 -3.50
C PHE A 48 8.44 12.31 -4.61
N ARG A 49 7.92 13.11 -5.53
CA ARG A 49 8.70 13.61 -6.64
C ARG A 49 9.29 14.96 -6.27
N LYS A 50 10.59 15.11 -6.50
CA LYS A 50 11.30 16.36 -6.22
C LYS A 50 10.88 17.52 -7.12
N SER A 51 10.88 17.31 -8.43
CA SER A 51 10.54 18.38 -9.37
C SER A 51 9.69 17.91 -10.55
N PRO A 52 8.42 18.32 -10.58
CA PRO A 52 7.85 19.16 -9.53
C PRO A 52 7.66 18.35 -8.26
N GLN A 53 7.43 19.04 -7.15
CA GLN A 53 7.23 18.42 -5.86
C GLN A 53 5.80 17.93 -5.93
N GLU A 54 5.61 16.61 -5.86
CA GLU A 54 4.27 16.04 -5.91
C GLU A 54 4.22 14.61 -5.41
N LEU A 55 3.06 14.22 -4.89
CA LEU A 55 2.85 12.87 -4.40
C LEU A 55 2.72 11.95 -5.60
N LEU A 56 3.60 10.95 -5.70
CA LEU A 56 3.53 10.00 -6.81
C LEU A 56 2.66 8.78 -6.51
N CYS A 57 2.87 8.18 -5.33
CA CYS A 57 2.17 6.97 -4.95
C CYS A 57 2.36 6.71 -3.47
N GLY A 58 1.73 5.62 -3.02
CA GLY A 58 1.87 5.12 -1.67
C GLY A 58 2.92 4.03 -1.79
N ALA A 59 3.29 3.42 -0.66
CA ALA A 59 4.29 2.35 -0.61
C ALA A 59 4.29 1.88 0.83
N SER A 60 5.12 0.90 1.17
CA SER A 60 5.17 0.42 2.54
C SER A 60 6.57 0.02 3.00
N LEU A 61 6.80 0.16 4.30
CA LEU A 61 8.07 -0.18 4.92
C LEU A 61 8.02 -1.64 5.39
N ILE A 62 8.90 -2.48 4.84
CA ILE A 62 8.94 -3.89 5.24
C ILE A 62 10.18 -4.24 6.08
N SER A 63 11.10 -3.30 6.20
CA SER A 63 12.30 -3.44 7.03
C SER A 63 12.90 -2.04 7.14
N ASP A 64 14.05 -1.90 7.78
CA ASP A 64 14.67 -0.59 7.96
C ASP A 64 15.36 -0.07 6.72
N ARG A 65 15.47 -0.92 5.69
CA ARG A 65 16.15 -0.55 4.46
C ARG A 65 15.34 -0.80 3.18
N TRP A 66 14.19 -1.45 3.29
CA TRP A 66 13.38 -1.78 2.11
C TRP A 66 11.95 -1.29 2.10
N VAL A 67 11.52 -0.84 0.94
CA VAL A 67 10.18 -0.33 0.73
C VAL A 67 9.54 -1.09 -0.43
N LEU A 68 8.28 -1.45 -0.27
CA LEU A 68 7.54 -2.20 -1.28
C LEU A 68 6.51 -1.28 -1.93
N THR A 69 6.39 -1.38 -3.25
CA THR A 69 5.43 -0.56 -3.98
C THR A 69 4.98 -1.27 -5.26
N ALA A 70 4.07 -0.64 -6.01
CA ALA A 70 3.55 -1.16 -7.27
C ALA A 70 4.52 -0.70 -8.35
N ALA A 71 4.86 -1.59 -9.27
CA ALA A 71 5.79 -1.27 -10.36
C ALA A 71 5.31 -0.13 -11.28
N HIS A 72 4.01 -0.01 -11.48
CA HIS A 72 3.51 1.05 -12.34
C HIS A 72 3.73 2.45 -11.79
N CYS A 73 4.12 2.54 -10.52
CA CYS A 73 4.42 3.81 -9.87
C CYS A 73 5.73 4.36 -10.42
N LEU A 74 6.58 3.46 -10.89
CA LEU A 74 7.88 3.84 -11.41
C LEU A 74 7.95 3.72 -12.93
N LEU A 75 7.37 2.66 -13.48
CA LEU A 75 7.41 2.42 -14.92
C LEU A 75 6.04 2.17 -15.51
N TYR A 76 5.64 3.05 -16.42
CA TYR A 76 4.37 2.92 -17.11
C TYR A 76 4.45 3.62 -18.46
N PRO A 77 5.04 2.96 -19.48
CA PRO A 77 5.20 3.50 -20.83
C PRO A 77 3.97 4.21 -21.44
N PRO A 78 2.76 3.66 -21.25
CA PRO A 78 1.60 4.35 -21.82
C PRO A 78 1.46 5.81 -21.41
N TRP A 79 2.02 6.17 -20.26
CA TRP A 79 1.97 7.54 -19.75
C TRP A 79 3.38 8.12 -19.70
N ASP A 80 4.28 7.53 -20.50
CA ASP A 80 5.67 7.95 -20.56
C ASP A 80 6.30 8.06 -19.18
N LYS A 81 5.91 7.18 -18.28
CA LYS A 81 6.44 7.17 -16.92
C LYS A 81 7.60 6.18 -16.82
N ASN A 82 8.74 6.63 -16.33
CA ASN A 82 9.90 5.78 -16.14
C ASN A 82 10.90 6.48 -15.24
N PHE A 83 10.60 6.50 -13.94
CA PHE A 83 11.43 7.14 -12.92
C PHE A 83 12.65 6.34 -12.50
N THR A 84 13.74 7.03 -12.17
CA THR A 84 14.94 6.38 -11.68
C THR A 84 15.14 6.82 -10.23
N GLU A 85 16.15 6.25 -9.59
CA GLU A 85 16.44 6.57 -8.19
C GLU A 85 16.50 8.06 -7.84
N ASN A 86 17.26 8.83 -8.59
CA ASN A 86 17.42 10.26 -8.33
C ASN A 86 16.19 11.13 -8.52
N ASP A 87 15.14 10.58 -9.10
CA ASP A 87 13.92 11.33 -9.34
C ASP A 87 13.00 11.41 -8.14
N LEU A 88 13.16 10.49 -7.19
CA LEU A 88 12.25 10.43 -6.05
C LEU A 88 12.86 10.41 -4.67
N LEU A 89 11.98 10.69 -3.71
CA LEU A 89 12.31 10.67 -2.30
C LEU A 89 11.23 9.81 -1.65
N VAL A 90 11.59 9.11 -0.59
CA VAL A 90 10.67 8.27 0.17
C VAL A 90 10.38 9.02 1.49
N ARG A 91 9.12 9.29 1.78
CA ARG A 91 8.77 9.99 3.01
C ARG A 91 8.00 9.06 3.98
N ILE A 92 8.66 8.70 5.08
CA ILE A 92 8.11 7.78 6.08
C ILE A 92 7.73 8.46 7.39
N GLY A 93 6.64 7.99 8.00
CA GLY A 93 6.16 8.53 9.26
C GLY A 93 5.12 9.63 9.11
N LYS A 94 4.65 9.82 7.88
CA LYS A 94 3.70 10.89 7.58
C LYS A 94 2.23 10.68 7.95
N HIS A 95 1.53 11.80 8.13
CA HIS A 95 0.11 11.80 8.43
C HIS A 95 -0.52 12.81 7.46
N SER A 96 0.02 14.02 7.45
CA SER A 96 -0.47 15.07 6.57
C SER A 96 0.03 14.79 5.17
N ARG A 97 -0.82 15.04 4.18
CA ARG A 97 -0.45 14.84 2.77
C ARG A 97 0.60 15.86 2.30
N THR A 98 0.34 17.14 2.56
CA THR A 98 1.21 18.21 2.09
C THR A 98 2.27 18.81 3.01
N ARG A 99 2.08 18.73 4.32
CA ARG A 99 3.02 19.35 5.26
C ARG A 99 4.32 18.60 5.56
N TYR A 100 5.40 19.34 5.79
CA TYR A 100 6.67 18.72 6.14
C TYR A 100 6.66 18.53 7.65
N GLU A 101 6.23 17.35 8.08
CA GLU A 101 6.12 17.03 9.49
C GLU A 101 7.43 16.92 10.24
N ARG A 102 7.99 18.10 10.53
CA ARG A 102 9.26 18.28 11.24
C ARG A 102 9.29 17.51 12.55
N ASN A 103 10.39 16.79 12.75
CA ASN A 103 10.62 15.97 13.92
C ASN A 103 9.79 14.68 13.93
N ILE A 104 8.91 14.50 12.96
CA ILE A 104 8.07 13.30 12.86
C ILE A 104 8.46 12.43 11.65
N GLU A 105 8.22 12.94 10.44
CA GLU A 105 8.56 12.19 9.25
C GLU A 105 10.06 12.15 9.00
N LYS A 106 10.49 11.17 8.20
CA LYS A 106 11.89 10.99 7.83
C LYS A 106 11.91 10.85 6.32
N ILE A 107 12.74 11.64 5.66
CA ILE A 107 12.86 11.62 4.21
C ILE A 107 14.07 10.79 3.81
N SER A 108 13.87 9.76 3.00
CA SER A 108 14.98 8.90 2.59
C SER A 108 15.26 8.97 1.11
N MET A 109 16.51 8.62 0.78
CA MET A 109 17.03 8.63 -0.57
C MET A 109 17.10 7.18 -1.01
N LEU A 110 16.97 6.94 -2.32
CA LEU A 110 17.00 5.59 -2.85
C LEU A 110 18.37 5.21 -3.37
N GLU A 111 18.73 3.96 -3.14
CA GLU A 111 20.00 3.40 -3.57
C GLU A 111 19.79 2.68 -4.92
N LYS A 112 18.74 1.85 -4.98
CA LYS A 112 18.41 1.10 -6.19
C LYS A 112 16.94 0.74 -6.22
N ILE A 113 16.38 0.67 -7.41
CA ILE A 113 14.99 0.28 -7.60
C ILE A 113 15.00 -1.07 -8.30
N TYR A 114 14.10 -1.96 -7.92
CA TYR A 114 14.01 -3.28 -8.55
C TYR A 114 12.57 -3.55 -8.97
N ILE A 115 12.35 -3.65 -10.26
CA ILE A 115 11.02 -3.94 -10.79
C ILE A 115 10.99 -5.42 -11.15
N HIS A 116 9.87 -6.08 -10.90
CA HIS A 116 9.76 -7.50 -11.24
C HIS A 116 10.06 -7.66 -12.74
N PRO A 117 10.93 -8.63 -13.10
CA PRO A 117 11.29 -8.86 -14.49
C PRO A 117 10.08 -9.16 -15.41
N ARG A 118 9.07 -9.85 -14.88
CA ARG A 118 7.89 -10.15 -15.69
C ARG A 118 6.67 -9.26 -15.46
N TYR A 119 6.89 -8.02 -15.06
CA TYR A 119 5.82 -7.04 -14.85
C TYR A 119 5.15 -6.82 -16.22
N ASN A 120 3.83 -7.00 -16.29
CA ASN A 120 3.11 -6.83 -17.54
C ASN A 120 2.30 -5.54 -17.63
N TRP A 121 2.94 -4.48 -18.09
CA TRP A 121 2.27 -3.19 -18.22
C TRP A 121 1.46 -3.05 -19.52
N ARG A 122 1.73 -3.95 -20.45
CA ARG A 122 1.06 -3.94 -21.75
C ARG A 122 -0.38 -4.37 -21.69
N GLU A 123 -0.72 -5.24 -20.75
CA GLU A 123 -2.08 -5.73 -20.72
C GLU A 123 -2.95 -5.52 -19.48
N ASN A 124 -2.53 -6.09 -18.36
CA ASN A 124 -3.35 -6.02 -17.14
C ASN A 124 -2.59 -5.74 -15.85
N LEU A 125 -1.37 -5.21 -15.96
CA LEU A 125 -0.56 -4.91 -14.78
C LEU A 125 -0.34 -6.19 -13.95
N ASP A 126 0.01 -7.28 -14.65
CA ASP A 126 0.27 -8.56 -13.99
C ASP A 126 1.65 -8.44 -13.36
N ARG A 127 1.77 -8.90 -12.11
CA ARG A 127 3.01 -8.81 -11.34
C ARG A 127 3.39 -7.32 -11.18
N ASP A 128 2.43 -6.51 -10.73
CA ASP A 128 2.64 -5.09 -10.51
C ASP A 128 3.35 -4.92 -9.15
N ILE A 129 4.66 -5.12 -9.13
CA ILE A 129 5.39 -5.05 -7.88
C ILE A 129 6.83 -4.58 -8.05
N ALA A 130 7.33 -3.81 -7.08
CA ALA A 130 8.69 -3.28 -7.13
C ALA A 130 9.20 -3.06 -5.72
N LEU A 131 10.49 -3.26 -5.54
CA LEU A 131 11.20 -3.08 -4.26
C LEU A 131 12.19 -1.92 -4.37
N MET A 132 12.27 -1.12 -3.32
CA MET A 132 13.19 0.01 -3.29
C MET A 132 14.12 -0.07 -2.08
N LYS A 133 15.43 -0.07 -2.34
CA LYS A 133 16.44 -0.12 -1.28
C LYS A 133 16.82 1.30 -0.91
N LEU A 134 16.70 1.64 0.37
CA LEU A 134 17.04 2.98 0.83
C LEU A 134 18.54 3.13 0.98
N LYS A 135 19.03 4.37 0.86
CA LYS A 135 20.46 4.63 1.00
C LYS A 135 20.99 4.19 2.36
N LYS A 136 20.27 4.57 3.41
CA LYS A 136 20.64 4.23 4.77
C LYS A 136 19.41 3.77 5.51
N PRO A 137 19.60 2.91 6.52
CA PRO A 137 18.47 2.40 7.31
C PRO A 137 17.68 3.52 7.97
N VAL A 138 16.38 3.29 8.14
CA VAL A 138 15.52 4.28 8.78
C VAL A 138 15.47 3.82 10.22
N ALA A 139 15.29 4.77 11.14
CA ALA A 139 15.22 4.42 12.54
C ALA A 139 13.74 4.42 12.87
N PHE A 140 13.27 3.33 13.46
CA PHE A 140 11.88 3.21 13.85
C PHE A 140 11.56 4.15 14.99
N SER A 141 10.28 4.42 15.17
CA SER A 141 9.81 5.33 16.19
C SER A 141 8.35 4.94 16.42
N ASP A 142 7.61 5.77 17.12
CA ASP A 142 6.20 5.47 17.34
C ASP A 142 5.40 5.61 16.06
N TYR A 143 5.98 6.31 15.08
CA TYR A 143 5.30 6.57 13.80
C TYR A 143 5.90 5.82 12.61
N ILE A 144 6.98 5.08 12.85
CA ILE A 144 7.69 4.36 11.80
C ILE A 144 8.00 2.94 12.29
N HIS A 145 7.43 1.95 11.63
CA HIS A 145 7.61 0.57 12.03
C HIS A 145 7.18 -0.28 10.83
N PRO A 146 7.92 -1.37 10.52
CA PRO A 146 7.56 -2.21 9.38
C PRO A 146 6.36 -3.15 9.55
N VAL A 147 5.70 -3.46 8.43
CA VAL A 147 4.56 -4.38 8.43
C VAL A 147 5.16 -5.76 8.11
N CYS A 148 4.47 -6.84 8.48
CA CYS A 148 4.99 -8.18 8.17
C CYS A 148 4.56 -8.64 6.76
N LEU A 149 5.37 -9.47 6.14
CA LEU A 149 5.03 -10.07 4.83
C LEU A 149 4.47 -11.45 5.21
N PRO A 150 3.41 -11.90 4.52
CA PRO A 150 2.84 -13.20 4.87
C PRO A 150 3.64 -14.44 4.52
N ASP A 151 3.44 -15.47 5.32
CA ASP A 151 4.03 -16.78 5.11
C ASP A 151 2.87 -17.57 4.47
N ARG A 152 3.17 -18.70 3.85
CA ARG A 152 2.14 -19.51 3.19
C ARG A 152 0.92 -19.81 4.07
N GLU A 153 1.15 -20.15 5.33
CA GLU A 153 0.06 -20.49 6.23
C GLU A 153 -0.85 -19.29 6.52
N THR A 154 -0.26 -18.14 6.83
CA THR A 154 -1.06 -16.94 7.12
C THR A 154 -1.87 -16.54 5.89
N ALA A 155 -1.25 -16.61 4.71
CA ALA A 155 -1.91 -16.29 3.46
C ALA A 155 -3.09 -17.23 3.26
N ALA A 156 -2.83 -18.52 3.44
CA ALA A 156 -3.83 -19.56 3.28
C ALA A 156 -5.04 -19.33 4.14
N SER A 157 -4.81 -18.98 5.40
CA SER A 157 -5.92 -18.76 6.31
C SER A 157 -6.65 -17.42 6.21
N LEU A 158 -5.97 -16.37 5.76
CA LEU A 158 -6.60 -15.05 5.74
C LEU A 158 -7.18 -14.56 4.43
N LEU A 159 -6.55 -14.94 3.34
CA LEU A 159 -6.99 -14.47 2.04
C LEU A 159 -8.25 -15.24 1.60
N GLN A 160 -9.37 -14.96 2.24
CA GLN A 160 -10.63 -15.62 1.94
C GLN A 160 -11.75 -14.63 1.62
N ALA A 161 -12.58 -14.97 0.64
CA ALA A 161 -13.69 -14.11 0.24
C ALA A 161 -14.52 -13.75 1.46
N GLY A 162 -14.84 -12.48 1.64
CA GLY A 162 -15.61 -12.06 2.80
C GLY A 162 -14.75 -11.49 3.90
N TYR A 163 -13.51 -11.96 3.99
CA TYR A 163 -12.58 -11.46 5.00
C TYR A 163 -12.20 -10.03 4.60
N LYS A 164 -12.20 -9.12 5.57
CA LYS A 164 -11.86 -7.73 5.31
C LYS A 164 -10.39 -7.36 5.48
N GLY A 165 -9.95 -6.47 4.61
CA GLY A 165 -8.60 -5.97 4.63
C GLY A 165 -8.70 -4.47 4.79
N ARG A 166 -7.55 -3.79 4.91
CA ARG A 166 -7.54 -2.35 5.10
C ARG A 166 -6.61 -1.70 4.09
N VAL A 167 -7.09 -0.64 3.45
CA VAL A 167 -6.29 0.09 2.46
C VAL A 167 -6.10 1.53 2.95
N THR A 168 -4.91 2.09 2.73
CA THR A 168 -4.63 3.44 3.17
C THR A 168 -3.93 4.26 2.09
N GLY A 169 -4.16 5.57 2.10
CA GLY A 169 -3.51 6.44 1.13
C GLY A 169 -4.00 7.89 1.12
N TRP A 170 -3.22 8.73 0.44
CA TRP A 170 -3.50 10.17 0.31
C TRP A 170 -4.03 10.47 -1.09
N GLY A 171 -4.51 9.45 -1.79
CA GLY A 171 -5.03 9.61 -3.12
C GLY A 171 -6.36 10.33 -3.16
N ASN A 172 -6.86 10.55 -4.37
CA ASN A 172 -8.12 11.23 -4.58
C ASN A 172 -9.28 10.67 -3.77
N LEU A 173 -10.17 11.56 -3.37
CA LEU A 173 -11.35 11.17 -2.60
C LEU A 173 -12.52 10.82 -3.52
N LYS A 174 -12.45 11.24 -4.77
CA LYS A 174 -13.51 10.99 -5.74
C LYS A 174 -12.82 10.80 -7.07
N GLU A 175 -13.41 9.97 -7.93
CA GLU A 175 -12.87 9.69 -9.25
C GLU A 175 -12.84 10.96 -10.12
N GLY A 184 -10.74 16.99 -4.87
CA GLY A 184 -9.82 17.28 -3.76
C GLY A 184 -9.08 16.05 -3.27
N GLN A 185 -7.86 16.28 -2.82
CA GLN A 185 -7.02 15.24 -2.27
C GLN A 185 -7.25 15.45 -0.77
N PRO A 186 -7.16 14.38 0.05
CA PRO A 186 -7.38 14.53 1.49
C PRO A 186 -6.34 15.40 2.19
N SER A 187 -6.71 15.88 3.38
CA SER A 187 -5.81 16.70 4.15
C SER A 187 -4.82 15.75 4.80
N VAL A 188 -5.35 14.69 5.41
CA VAL A 188 -4.53 13.68 6.08
C VAL A 188 -4.81 12.29 5.48
N LEU A 189 -3.98 11.32 5.89
CA LEU A 189 -4.08 9.93 5.44
C LEU A 189 -5.49 9.37 5.66
N GLN A 190 -6.05 8.75 4.62
CA GLN A 190 -7.38 8.14 4.66
C GLN A 190 -7.24 6.62 4.82
N VAL A 191 -8.27 6.01 5.36
CA VAL A 191 -8.28 4.57 5.59
C VAL A 191 -9.66 4.03 5.26
N VAL A 192 -9.70 2.84 4.67
CA VAL A 192 -10.95 2.17 4.35
C VAL A 192 -10.74 0.66 4.51
N ASN A 193 -11.76 -0.01 5.03
CA ASN A 193 -11.75 -1.46 5.24
C ASN A 193 -12.67 -2.08 4.19
N LEU A 194 -12.13 -2.98 3.38
CA LEU A 194 -12.88 -3.61 2.29
C LEU A 194 -12.84 -5.13 2.30
N PRO A 195 -13.95 -5.77 1.91
CA PRO A 195 -13.97 -7.24 1.89
C PRO A 195 -13.33 -7.85 0.65
N ILE A 196 -12.68 -9.00 0.81
CA ILE A 196 -12.07 -9.69 -0.34
C ILE A 196 -13.23 -10.29 -1.14
N VAL A 197 -13.15 -10.18 -2.46
CA VAL A 197 -14.20 -10.67 -3.33
C VAL A 197 -13.86 -12.01 -4.00
N GLU A 198 -14.91 -12.81 -4.23
CA GLU A 198 -14.81 -14.11 -4.87
C GLU A 198 -14.24 -13.98 -6.28
N ARG A 199 -13.24 -14.78 -6.59
CA ARG A 199 -12.62 -14.73 -7.93
C ARG A 199 -13.57 -14.64 -9.10
N PRO A 200 -14.62 -15.49 -9.14
CA PRO A 200 -15.59 -15.47 -10.23
C PRO A 200 -16.18 -14.08 -10.44
N VAL A 201 -16.63 -13.48 -9.33
CA VAL A 201 -17.20 -12.13 -9.30
C VAL A 201 -16.19 -11.11 -9.82
N CYS A 202 -14.92 -11.26 -9.45
CA CYS A 202 -13.89 -10.33 -9.92
C CYS A 202 -13.77 -10.47 -11.44
N LYS A 203 -13.76 -11.73 -11.88
CA LYS A 203 -13.64 -12.08 -13.28
C LYS A 203 -14.81 -11.51 -14.10
N ASP A 204 -16.03 -11.74 -13.61
CA ASP A 204 -17.25 -11.29 -14.26
C ASP A 204 -17.57 -9.79 -14.22
N SER A 205 -16.76 -8.99 -13.53
CA SER A 205 -17.06 -7.57 -13.46
C SER A 205 -16.24 -6.73 -14.46
N THR A 206 -15.35 -7.38 -15.21
CA THR A 206 -14.50 -6.66 -16.14
C THR A 206 -14.22 -7.45 -17.38
N ARG A 207 -13.61 -6.80 -18.37
CA ARG A 207 -13.24 -7.42 -19.63
C ARG A 207 -11.76 -7.76 -19.59
N ILE A 208 -11.05 -7.17 -18.65
CA ILE A 208 -9.62 -7.41 -18.50
C ILE A 208 -9.38 -8.86 -18.03
N ARG A 209 -8.34 -9.48 -18.55
CA ARG A 209 -8.01 -10.85 -18.19
C ARG A 209 -7.35 -10.91 -16.81
N ILE A 210 -8.04 -11.45 -15.82
CA ILE A 210 -7.48 -11.56 -14.47
C ILE A 210 -6.58 -12.78 -14.33
N THR A 211 -5.44 -12.60 -13.65
CA THR A 211 -4.46 -13.65 -13.45
C THR A 211 -4.44 -14.11 -12.00
N ASP A 212 -3.65 -15.12 -11.69
CA ASP A 212 -3.52 -15.67 -10.33
C ASP A 212 -2.72 -14.76 -9.42
N ASN A 213 -2.00 -13.80 -9.99
CA ASN A 213 -1.21 -12.86 -9.20
C ASN A 213 -2.00 -11.65 -8.71
N MET A 214 -3.33 -11.74 -8.74
CA MET A 214 -4.17 -10.63 -8.32
C MET A 214 -5.35 -11.15 -7.55
N PHE A 215 -6.00 -10.25 -6.82
CA PHE A 215 -7.23 -10.52 -6.10
C PHE A 215 -7.96 -9.18 -6.14
N CYS A 216 -9.28 -9.18 -6.00
CA CYS A 216 -10.02 -7.93 -6.02
C CYS A 216 -10.74 -7.77 -4.70
N ALA A 217 -11.08 -6.54 -4.36
CA ALA A 217 -11.76 -6.25 -3.10
C ALA A 217 -12.75 -5.10 -3.24
N GLY A 218 -13.76 -5.11 -2.38
CA GLY A 218 -14.76 -4.07 -2.42
C GLY A 218 -16.10 -4.67 -2.13
N TYR A 219 -17.09 -3.81 -1.92
CA TYR A 219 -18.43 -4.29 -1.64
C TYR A 219 -19.23 -4.48 -2.92
N LYS A 220 -20.20 -5.40 -2.87
CA LYS A 220 -21.10 -5.68 -4.00
C LYS A 220 -22.10 -4.50 -3.99
N PRO A 221 -22.74 -4.21 -5.13
CA PRO A 221 -23.69 -3.09 -5.17
C PRO A 221 -24.86 -3.23 -4.17
N ASP A 222 -25.16 -4.46 -3.78
CA ASP A 222 -26.25 -4.70 -2.84
C ASP A 222 -25.80 -4.74 -1.37
N GLU A 223 -24.49 -4.67 -1.12
CA GLU A 223 -24.00 -4.71 0.25
C GLU A 223 -24.19 -3.43 1.06
N GLY A 224 -24.66 -2.37 0.42
CA GLY A 224 -24.91 -1.13 1.13
C GLY A 224 -23.69 -0.27 1.46
N LYS A 225 -22.59 -0.90 1.84
CA LYS A 225 -21.40 -0.16 2.15
C LYS A 225 -20.57 -0.03 0.89
N ARG A 226 -19.73 1.01 0.83
CA ARG A 226 -18.84 1.22 -0.32
C ARG A 226 -17.46 1.71 0.11
N GLY A 227 -16.63 2.06 -0.87
CA GLY A 227 -15.27 2.52 -0.58
C GLY A 227 -14.35 1.89 -1.61
N ASP A 228 -13.19 2.47 -1.84
CA ASP A 228 -12.26 1.96 -2.84
C ASP A 228 -11.02 2.87 -2.84
N ALA A 229 -9.96 2.40 -3.48
CA ALA A 229 -8.76 3.18 -3.63
C ALA A 229 -9.01 4.03 -4.88
N CYS A 230 -8.10 4.93 -5.22
CA CYS A 230 -8.29 5.76 -6.39
C CYS A 230 -6.95 6.30 -6.82
N GLU A 231 -6.94 7.30 -7.72
CA GLU A 231 -5.67 7.87 -8.18
C GLU A 231 -4.86 8.37 -6.98
N GLY A 232 -3.56 8.06 -6.97
CA GLY A 232 -2.70 8.49 -5.88
C GLY A 232 -2.50 7.44 -4.80
N ASP A 233 -3.44 6.52 -4.69
CA ASP A 233 -3.35 5.44 -3.71
C ASP A 233 -2.44 4.30 -4.15
N SER A 234 -2.14 4.25 -5.45
CA SER A 234 -1.29 3.21 -6.03
C SER A 234 -0.05 2.92 -5.20
N GLY A 235 0.36 1.66 -5.15
CA GLY A 235 1.55 1.28 -4.40
C GLY A 235 1.33 1.11 -2.91
N GLY A 236 0.20 1.59 -2.43
CA GLY A 236 -0.11 1.48 -1.02
C GLY A 236 -0.41 0.06 -0.60
N PRO A 237 -0.41 -0.19 0.71
CA PRO A 237 -0.68 -1.54 1.22
C PRO A 237 -2.12 -1.87 1.54
N PHE A 238 -2.45 -3.14 1.31
CA PHE A 238 -3.74 -3.72 1.65
C PHE A 238 -3.27 -4.67 2.77
N VAL A 239 -3.68 -4.42 4.01
CA VAL A 239 -3.22 -5.25 5.11
C VAL A 239 -4.33 -5.94 5.88
N MET A 240 -3.96 -6.99 6.59
CA MET A 240 -4.91 -7.72 7.42
C MET A 240 -4.24 -7.99 8.76
N LYS A 241 -5.05 -8.07 9.81
CA LYS A 241 -4.51 -8.36 11.12
C LYS A 241 -4.76 -9.81 11.42
N SER A 242 -3.70 -10.54 11.70
CA SER A 242 -3.84 -11.95 12.03
C SER A 242 -4.46 -12.16 13.40
N PRO A 243 -5.56 -12.94 13.44
CA PRO A 243 -6.20 -13.19 14.73
C PRO A 243 -5.39 -14.25 15.54
N PHE A 244 -4.32 -14.79 14.95
CA PHE A 244 -3.47 -15.81 15.57
C PHE A 244 -2.33 -15.23 16.38
N ASN A 245 -1.62 -14.25 15.83
CA ASN A 245 -0.52 -13.66 16.56
C ASN A 245 -0.64 -12.13 16.75
N ASN A 246 -1.79 -11.58 16.35
CA ASN A 246 -2.08 -10.15 16.45
C ASN A 246 -1.15 -9.20 15.70
N ARG A 247 -0.51 -9.71 14.67
CA ARG A 247 0.37 -8.89 13.85
C ARG A 247 -0.33 -8.47 12.56
N TRP A 248 0.11 -7.36 11.98
CA TRP A 248 -0.44 -6.88 10.74
C TRP A 248 0.40 -7.42 9.60
N TYR A 249 -0.27 -7.92 8.56
CA TYR A 249 0.44 -8.48 7.41
C TYR A 249 -0.04 -7.80 6.15
N GLN A 250 0.87 -7.57 5.21
CA GLN A 250 0.49 -6.97 3.94
C GLN A 250 0.17 -8.09 2.94
N MET A 251 -1.08 -8.20 2.55
CA MET A 251 -1.49 -9.22 1.60
C MET A 251 -1.53 -8.70 0.16
N GLY A 252 -1.70 -7.39 0.00
CA GLY A 252 -1.76 -6.83 -1.34
C GLY A 252 -1.18 -5.44 -1.53
N ILE A 253 -1.09 -5.04 -2.79
CA ILE A 253 -0.59 -3.72 -3.19
C ILE A 253 -1.64 -3.13 -4.09
N VAL A 254 -2.04 -1.88 -3.81
CA VAL A 254 -3.03 -1.16 -4.61
C VAL A 254 -2.51 -1.14 -6.05
N SER A 255 -3.26 -1.75 -6.97
CA SER A 255 -2.80 -1.83 -8.35
C SER A 255 -3.65 -1.09 -9.39
N TRP A 256 -4.87 -1.55 -9.62
CA TRP A 256 -5.70 -0.92 -10.65
C TRP A 256 -7.17 -1.10 -10.46
N GLY A 257 -7.90 -0.30 -11.22
CA GLY A 257 -9.34 -0.35 -11.19
C GLY A 257 -9.83 0.36 -12.43
N GLU A 258 -11.12 0.27 -12.68
CA GLU A 258 -11.72 0.95 -13.82
C GLU A 258 -12.67 1.94 -13.14
N GLY A 259 -12.12 3.13 -12.89
CA GLY A 259 -12.84 4.17 -12.17
C GLY A 259 -12.51 3.96 -10.70
N CYS A 260 -13.27 4.59 -9.81
CA CYS A 260 -13.08 4.48 -8.37
C CYS A 260 -14.44 4.42 -7.71
N ASP A 261 -14.68 3.36 -6.97
CA ASP A 261 -15.94 3.16 -6.26
C ASP A 261 -17.20 3.08 -7.14
N ARG A 262 -17.04 2.52 -8.33
CA ARG A 262 -18.15 2.34 -9.26
C ARG A 262 -18.89 1.09 -8.87
N ASP A 263 -20.23 1.12 -8.92
CA ASP A 263 -21.00 -0.07 -8.60
C ASP A 263 -20.73 -1.16 -9.62
N GLY A 264 -20.67 -2.41 -9.15
CA GLY A 264 -20.39 -3.51 -10.04
C GLY A 264 -18.92 -3.63 -10.44
N LYS A 265 -18.06 -2.78 -9.90
CA LYS A 265 -16.63 -2.82 -10.22
C LYS A 265 -15.80 -3.00 -8.93
N TYR A 266 -14.56 -3.44 -9.06
CA TYR A 266 -13.74 -3.69 -7.87
C TYR A 266 -12.32 -3.28 -8.08
N GLY A 267 -11.62 -3.01 -6.98
CA GLY A 267 -10.23 -2.65 -7.07
C GLY A 267 -9.40 -3.91 -7.15
N PHE A 268 -8.30 -3.86 -7.91
CA PHE A 268 -7.43 -5.01 -8.05
C PHE A 268 -6.11 -4.75 -7.38
N TYR A 269 -5.64 -5.76 -6.68
CA TYR A 269 -4.43 -5.71 -5.88
C TYR A 269 -3.45 -6.79 -6.24
N THR A 270 -2.18 -6.46 -6.15
CA THR A 270 -1.12 -7.42 -6.40
C THR A 270 -1.11 -8.41 -5.24
N HIS A 271 -1.14 -9.70 -5.56
CA HIS A 271 -1.13 -10.79 -4.59
C HIS A 271 0.31 -10.94 -4.10
N VAL A 272 0.65 -10.32 -2.97
CA VAL A 272 2.02 -10.34 -2.44
C VAL A 272 2.61 -11.74 -2.22
N PHE A 273 1.91 -12.58 -1.47
CA PHE A 273 2.42 -13.93 -1.23
C PHE A 273 2.83 -14.66 -2.50
N ARG A 274 2.01 -14.59 -3.54
CA ARG A 274 2.31 -15.25 -4.81
C ARG A 274 3.64 -14.78 -5.37
N LEU A 275 4.09 -13.61 -4.93
CA LEU A 275 5.35 -13.05 -5.41
C LEU A 275 6.48 -13.05 -4.38
N LYS A 276 6.24 -13.62 -3.20
CA LYS A 276 7.27 -13.61 -2.16
C LYS A 276 8.62 -14.23 -2.54
N LYS A 277 8.59 -15.24 -3.39
CA LYS A 277 9.86 -15.87 -3.79
C LYS A 277 10.74 -14.84 -4.49
N TRP A 278 10.12 -13.97 -5.30
CA TRP A 278 10.89 -12.95 -5.98
C TRP A 278 11.42 -11.97 -4.93
N ILE A 279 10.55 -11.63 -3.97
CA ILE A 279 10.90 -10.69 -2.90
C ILE A 279 12.07 -11.19 -2.07
N GLN A 280 12.01 -12.44 -1.62
CA GLN A 280 13.08 -13.02 -0.82
C GLN A 280 14.38 -12.98 -1.63
N LYS A 281 14.32 -13.55 -2.82
CA LYS A 281 15.43 -13.60 -3.74
C LYS A 281 16.15 -12.25 -3.81
N VAL A 282 15.42 -11.21 -4.17
CA VAL A 282 16.00 -9.87 -4.28
C VAL A 282 16.61 -9.36 -2.98
N ILE A 283 15.89 -9.49 -1.87
CA ILE A 283 16.38 -8.99 -0.60
C ILE A 283 17.68 -9.67 -0.12
N ASP A 284 17.71 -11.00 -0.13
CA ASP A 284 18.92 -11.66 0.32
C ASP A 284 20.04 -11.55 -0.71
N GLN A 285 19.67 -11.42 -1.98
CA GLN A 285 20.67 -11.29 -3.04
C GLN A 285 21.35 -9.93 -3.01
N PHE A 286 20.56 -8.87 -2.84
CA PHE A 286 21.08 -7.51 -2.83
C PHE A 286 21.16 -6.86 -1.46
N GLY A 287 21.28 -7.66 -0.41
CA GLY A 287 21.39 -7.14 0.94
C GLY A 287 20.05 -6.79 1.56
N ASP B 1 0.12 22.16 -3.84
CA ASP B 1 -0.06 22.70 -2.46
C ASP B 1 0.88 22.06 -1.43
N PHE B 2 1.98 21.48 -1.90
CA PHE B 2 2.92 20.83 -1.00
C PHE B 2 3.89 21.82 -0.38
N GLU B 3 4.12 21.66 0.92
CA GLU B 3 5.01 22.53 1.68
C GLU B 3 6.48 22.29 1.35
N GLU B 4 7.23 23.36 1.37
CA GLU B 4 8.66 23.35 1.06
C GLU B 4 9.39 22.40 2.00
N ILE B 5 10.01 21.36 1.45
CA ILE B 5 10.75 20.44 2.30
C ILE B 5 12.20 20.90 2.32
N PRO B 6 12.99 20.44 3.29
CA PRO B 6 14.40 20.82 3.39
C PRO B 6 15.24 20.47 2.15
N GLU B 7 15.97 21.46 1.64
CA GLU B 7 16.84 21.31 0.48
C GLU B 7 17.93 20.25 0.71
N ALA B 8 18.23 19.98 1.98
CA ALA B 8 19.25 19.00 2.33
C ALA B 8 18.93 17.59 1.84
N TYS B 9 17.65 17.34 1.55
CA TYS B 9 17.17 16.05 1.06
CB TYS B 9 15.77 15.76 1.61
CG TYS B 9 15.75 15.62 3.12
CD1 TYS B 9 16.56 14.65 3.73
CD2 TYS B 9 14.89 16.42 3.87
CE1 TYS B 9 16.51 14.47 5.10
CE2 TYS B 9 14.85 16.22 5.25
CZ TYS B 9 15.66 15.24 5.86
OH TYS B 9 15.64 15.00 7.08
S TYS B 9 14.57 14.24 7.73
O1 TYS B 9 14.76 12.85 7.37
O2 TYS B 9 13.26 14.72 7.43
O3 TYS B 9 14.71 14.22 9.18
C TYS B 9 17.07 16.06 -0.46
O TYS B 9 17.09 15.02 -1.11
N LEU B 10 16.89 17.27 -1.00
CA LEU B 10 16.74 17.51 -2.44
C LEU B 10 18.04 17.27 -3.20
N ALA B 11 19.16 17.60 -2.57
CA ALA B 11 20.49 17.47 -3.15
C ALA B 11 20.80 16.09 -3.74
N0 177 C . -7.56 2.33 -15.23
CA0 177 C . -6.24 1.65 -15.29
CB0 177 C . -6.38 0.16 -15.63
CG1 177 C . -5.02 -0.44 -16.01
CD1 177 C . -5.12 -1.92 -16.33
CE0 177 C . -6.13 -2.15 -17.45
CD2 177 C . -7.49 -1.54 -17.12
CG2 177 C . -7.33 -0.06 -16.81
C0 177 C . -5.60 1.79 -13.92
O0 177 C . -6.28 1.58 -12.88
N 177 C . -4.30 2.17 -13.88
CA 177 C . -3.54 2.34 -12.63
C 177 C . -4.32 3.12 -11.59
O 177 C . -4.99 4.12 -11.92
CB 177 C . -2.34 3.15 -13.11
CG 177 C . -2.07 2.57 -14.44
CD 177 C . -3.47 2.51 -15.05
N' 177 C . -4.32 2.64 -10.35
CA' 177 C . -5.00 3.26 -9.21
CB' 177 C . -6.23 2.50 -8.78
CG' 177 C . -7.49 3.03 -9.04
CD' 177 C . -8.64 2.39 -8.51
CE' 177 C . -8.52 1.24 -7.75
CDB 177 C . -7.26 0.69 -7.47
CGB 177 C . -6.13 1.33 -8.00
CL 177 C . -7.09 -0.71 -6.51
OL 177 C . -7.59 4.01 -9.99
CF 177 C . -8.25 3.59 -11.20
CH 177 C . -8.77 4.77 -11.98
OH 177 C . -9.69 4.62 -12.79
N2 177 C . -8.17 5.93 -11.77
CM 177 C . -8.55 7.19 -12.40
CN 177 C . -9.91 7.66 -11.88
#